data_3FR0
#
_entry.id   3FR0
#
_cell.length_a   80.147
_cell.length_b   80.147
_cell.length_c   323.170
_cell.angle_alpha   90.000
_cell.angle_beta   90.000
_cell.angle_gamma   120.000
#
_symmetry.space_group_name_H-M   'P 65 2 2'
#
loop_
_entity.id
_entity.type
_entity.pdbx_description
1 polymer Glucokinase
2 non-polymer alpha-D-glucopyranose
3 non-polymer 2-amino-N-(4-methyl-1,3-thiazol-2-yl)-5-[(4-methyl-4H-1,2,4-triazol-3-yl)sulfanyl]benzamide
4 non-polymer 'SODIUM ION'
5 water water
#
_entity_poly.entity_id   1
_entity_poly.type   'polypeptide(L)'
_entity_poly.pdbx_seq_one_letter_code
;TALTLVEQILAEFQLQEEDLKKVMRRMQKEMDRGLRLETHEEASVKMLPTYVRSTPEGSEVGDFLSLDLGGTNFRVMLVK
VGEGEEGQWSVKTKHQMYSIPEDAMTGTAEMLFDYISECISDFLDKHQMKHKKLPLGFTFSFPVRHEDIDKGILLNWTKG
FKASGAEGNNVVGLLRDAIKRRGDFEMDVVAMVNDTVATMISCYYEDHQCEVGMIVGTGCNACYMEEMQNVELVEGDEGR
MCVNTEWGAFGDSGELDEFLLEYDRLVDESSANPGQQLYEKLIGGKYMGELVRLVLLRLVDENLLFHGEASEQLRTRGAF
ETRFVSQVESDTGDRKQIYNILSTLGLRPSTTDCDIVRRACESVSTRAAHMCSAGLAGVINRMRESRSEDVMRITVGVDG
SVYKLHPSFKERFHASVRRLTPSCEITFIESEEGSGRGAALVSAVACKKACMLGQ
;
_entity_poly.pdbx_strand_id   A
#
# COMPACT_ATOMS: atom_id res chain seq x y z
N THR A 4 14.81 -27.28 22.49
CA THR A 4 14.78 -27.25 20.99
C THR A 4 13.43 -26.75 20.47
N LEU A 5 12.58 -26.26 21.37
CA LEU A 5 11.25 -25.76 21.02
C LEU A 5 11.33 -24.67 19.95
N VAL A 6 12.53 -24.24 19.60
CA VAL A 6 12.71 -23.05 18.78
C VAL A 6 12.16 -23.22 17.36
N GLU A 7 12.74 -24.15 16.60
CA GLU A 7 12.46 -24.19 15.19
C GLU A 7 11.02 -24.65 14.92
N GLN A 8 10.45 -25.39 15.86
CA GLN A 8 9.07 -25.82 15.68
C GLN A 8 8.11 -24.69 16.00
N ILE A 9 8.54 -23.77 16.86
CA ILE A 9 7.77 -22.54 17.08
C ILE A 9 7.76 -21.64 15.84
N LEU A 10 8.89 -21.56 15.15
CA LEU A 10 9.01 -20.75 13.95
C LEU A 10 8.38 -21.47 12.76
N ALA A 11 8.25 -22.79 12.87
CA ALA A 11 7.73 -23.57 11.75
C ALA A 11 6.27 -23.25 11.52
N GLU A 12 5.62 -22.70 12.55
CA GLU A 12 4.23 -22.29 12.47
C GLU A 12 3.99 -21.26 11.36
N PHE A 13 5.05 -20.59 10.94
CA PHE A 13 4.95 -19.57 9.91
C PHE A 13 5.04 -20.12 8.51
N GLN A 14 5.53 -21.35 8.37
CA GLN A 14 5.63 -21.93 7.03
C GLN A 14 4.26 -22.01 6.38
N LEU A 15 4.28 -21.92 5.05
CA LEU A 15 3.08 -22.15 4.26
C LEU A 15 3.50 -23.04 3.11
N GLN A 16 2.86 -24.18 2.98
CA GLN A 16 3.18 -25.10 1.89
C GLN A 16 2.60 -24.56 0.59
N GLU A 17 3.07 -25.08 -0.53
CA GLU A 17 2.51 -24.72 -1.82
C GLU A 17 0.99 -24.75 -1.78
N GLU A 18 0.42 -25.86 -1.33
CA GLU A 18 -1.00 -26.06 -1.42
C GLU A 18 -1.75 -25.04 -0.55
N ASP A 19 -1.06 -24.52 0.46
CA ASP A 19 -1.61 -23.43 1.27
C ASP A 19 -1.75 -22.14 0.46
N LEU A 20 -0.68 -21.77 -0.25
CA LEU A 20 -0.69 -20.58 -1.08
C LEU A 20 -1.76 -20.66 -2.17
N LYS A 21 -1.82 -21.81 -2.84
CA LYS A 21 -2.80 -22.01 -3.88
C LYS A 21 -4.21 -21.82 -3.33
N LYS A 22 -4.40 -22.24 -2.08
CA LYS A 22 -5.70 -22.15 -1.43
C LYS A 22 -6.04 -20.68 -1.18
N VAL A 23 -5.09 -19.96 -0.58
CA VAL A 23 -5.23 -18.52 -0.38
C VAL A 23 -5.49 -17.80 -1.70
N MET A 24 -4.77 -18.21 -2.73
CA MET A 24 -4.89 -17.56 -4.03
C MET A 24 -6.30 -17.73 -4.60
N ARG A 25 -6.81 -18.96 -4.53
CA ARG A 25 -8.11 -19.25 -5.08
C ARG A 25 -9.20 -18.55 -4.30
N ARG A 26 -8.97 -18.35 -3.01
CA ARG A 26 -9.94 -17.66 -2.18
C ARG A 26 -9.91 -16.18 -2.51
N MET A 27 -8.73 -15.61 -2.61
CA MET A 27 -8.56 -14.22 -3.05
C MET A 27 -9.35 -13.97 -4.34
N GLN A 28 -9.25 -14.87 -5.29
CA GLN A 28 -9.95 -14.76 -6.55
C GLN A 28 -11.46 -14.80 -6.35
N LYS A 29 -11.88 -15.60 -5.38
CA LYS A 29 -13.30 -15.77 -5.07
C LYS A 29 -13.84 -14.45 -4.50
N GLU A 30 -13.08 -13.82 -3.62
CA GLU A 30 -13.50 -12.58 -2.99
C GLU A 30 -13.49 -11.40 -3.96
N MET A 31 -12.57 -11.44 -4.93
CA MET A 31 -12.47 -10.39 -5.93
C MET A 31 -13.64 -10.44 -6.89
N ASP A 32 -14.05 -11.64 -7.25
CA ASP A 32 -15.23 -11.77 -8.06
C ASP A 32 -16.44 -11.29 -7.28
N ARG A 33 -16.51 -11.69 -6.02
CA ARG A 33 -17.59 -11.26 -5.14
C ARG A 33 -17.68 -9.74 -5.03
N GLY A 34 -16.53 -9.07 -4.94
CA GLY A 34 -16.56 -7.63 -4.81
C GLY A 34 -17.04 -6.91 -6.05
N LEU A 35 -16.90 -7.54 -7.20
CA LEU A 35 -17.23 -6.91 -8.47
C LEU A 35 -18.71 -7.04 -8.81
N ARG A 36 -19.37 -8.00 -8.19
CA ARG A 36 -20.76 -8.28 -8.55
C ARG A 36 -21.76 -7.55 -7.65
N LEU A 37 -22.83 -7.05 -8.26
CA LEU A 37 -23.78 -6.21 -7.56
C LEU A 37 -24.33 -6.88 -6.31
N GLU A 38 -24.67 -8.17 -6.44
CA GLU A 38 -25.33 -8.87 -5.36
C GLU A 38 -24.45 -9.11 -4.15
N THR A 39 -23.13 -9.03 -4.33
CA THR A 39 -22.23 -9.27 -3.21
C THR A 39 -21.26 -8.13 -2.90
N HIS A 40 -21.26 -7.08 -3.72
CA HIS A 40 -20.28 -6.00 -3.58
C HIS A 40 -20.37 -5.31 -2.23
N GLU A 41 -21.55 -5.33 -1.63
CA GLU A 41 -21.79 -4.56 -0.41
C GLU A 41 -21.22 -5.27 0.80
N GLU A 42 -21.14 -6.60 0.72
CA GLU A 42 -20.78 -7.40 1.88
C GLU A 42 -19.37 -7.96 1.75
N ALA A 43 -18.76 -7.75 0.58
CA ALA A 43 -17.47 -8.34 0.25
C ALA A 43 -16.32 -7.77 1.08
N SER A 44 -15.46 -8.64 1.59
CA SER A 44 -14.29 -8.18 2.34
C SER A 44 -13.32 -7.47 1.40
N VAL A 45 -13.23 -7.97 0.17
CA VAL A 45 -12.36 -7.39 -0.84
C VAL A 45 -13.20 -6.49 -1.74
N LYS A 46 -13.20 -5.19 -1.44
CA LYS A 46 -14.24 -4.28 -1.93
C LYS A 46 -14.18 -4.03 -3.43
N MET A 47 -13.02 -4.18 -4.03
CA MET A 47 -12.91 -4.06 -5.48
C MET A 47 -13.52 -2.73 -5.95
N LEU A 48 -12.94 -1.63 -5.51
CA LEU A 48 -13.53 -0.31 -5.71
C LEU A 48 -13.16 0.32 -7.05
N PRO A 49 -14.16 0.65 -7.88
CA PRO A 49 -13.97 1.35 -9.15
C PRO A 49 -13.32 2.71 -8.95
N THR A 50 -12.30 3.01 -9.75
CA THR A 50 -11.50 4.22 -9.58
C THR A 50 -11.87 5.26 -10.64
N TYR A 51 -12.62 4.82 -11.64
CA TYR A 51 -13.02 5.69 -12.74
C TYR A 51 -11.86 6.12 -13.61
N VAL A 52 -10.67 5.57 -13.35
CA VAL A 52 -9.55 5.73 -14.25
C VAL A 52 -9.64 4.71 -15.39
N ARG A 53 -9.79 5.19 -16.63
CA ARG A 53 -10.15 4.33 -17.76
C ARG A 53 -9.07 4.24 -18.83
N SER A 54 -9.17 3.22 -19.67
CA SER A 54 -8.18 2.98 -20.71
C SER A 54 -8.35 3.87 -21.95
N THR A 55 -7.43 3.72 -22.90
CA THR A 55 -7.28 4.63 -24.04
C THR A 55 -7.48 6.08 -23.61
N PRO A 56 -6.53 6.58 -22.82
CA PRO A 56 -6.64 7.91 -22.22
C PRO A 56 -6.75 9.03 -23.24
N GLU A 57 -5.71 9.16 -24.07
CA GLU A 57 -5.45 10.39 -24.82
C GLU A 57 -6.70 11.02 -25.42
N GLY A 58 -6.66 12.34 -25.59
CA GLY A 58 -5.43 13.07 -25.36
C GLY A 58 -5.22 13.53 -23.93
N SER A 59 -4.11 14.22 -23.71
CA SER A 59 -3.77 14.75 -22.39
C SER A 59 -3.29 16.20 -22.49
N GLU A 60 -3.64 16.99 -21.48
CA GLU A 60 -3.05 18.31 -21.32
C GLU A 60 -1.59 18.19 -20.91
N VAL A 61 -0.85 19.28 -21.06
CA VAL A 61 0.55 19.29 -20.64
C VAL A 61 0.83 20.56 -19.84
N GLY A 62 1.94 20.56 -19.10
CA GLY A 62 2.26 21.71 -18.28
C GLY A 62 2.47 21.32 -16.85
N ASP A 63 2.53 22.30 -15.96
CA ASP A 63 2.76 22.03 -14.56
C ASP A 63 1.51 21.53 -13.85
N PHE A 64 1.69 20.58 -12.95
CA PHE A 64 0.62 20.11 -12.07
C PHE A 64 1.13 20.02 -10.64
N LEU A 65 0.23 20.27 -9.69
CA LEU A 65 0.58 20.15 -8.29
C LEU A 65 0.09 18.80 -7.80
N SER A 66 0.95 18.08 -7.07
CA SER A 66 0.59 16.75 -6.61
C SER A 66 0.65 16.62 -5.10
N LEU A 67 -0.44 16.13 -4.54
CA LEU A 67 -0.56 15.92 -3.10
C LEU A 67 -0.45 14.43 -2.80
N ASP A 68 0.29 14.09 -1.76
CA ASP A 68 0.44 12.69 -1.38
C ASP A 68 0.14 12.52 0.11
N LEU A 69 -1.00 11.92 0.40
CA LEU A 69 -1.39 11.69 1.77
C LEU A 69 -1.70 10.23 2.00
N GLY A 70 -0.99 9.63 2.95
CA GLY A 70 -1.29 8.28 3.39
C GLY A 70 -0.31 7.69 4.40
N GLY A 71 0.18 8.50 5.32
CA GLY A 71 -0.28 9.88 5.46
C GLY A 71 0.59 10.76 6.33
N THR A 72 0.76 10.37 7.61
CA THR A 72 1.32 11.24 8.63
C THR A 72 2.43 12.18 8.14
N ASN A 73 3.34 11.64 7.33
CA ASN A 73 4.31 12.47 6.62
C ASN A 73 3.93 12.60 5.16
N PHE A 74 3.09 13.58 4.84
CA PHE A 74 2.59 13.70 3.48
C PHE A 74 3.38 14.70 2.67
N ARG A 75 3.37 14.52 1.35
CA ARG A 75 4.20 15.29 0.43
C ARG A 75 3.38 16.21 -0.47
N VAL A 76 3.94 17.38 -0.73
CA VAL A 76 3.42 18.26 -1.78
C VAL A 76 4.55 18.43 -2.78
N MET A 77 4.24 18.24 -4.05
CA MET A 77 5.24 18.43 -5.08
C MET A 77 4.66 19.00 -6.38
N LEU A 78 5.56 19.41 -7.26
CA LEU A 78 5.17 20.04 -8.50
C LEU A 78 5.68 19.18 -9.66
N VAL A 79 4.77 18.63 -10.44
CA VAL A 79 5.16 17.74 -11.53
C VAL A 79 4.94 18.43 -12.87
N LYS A 80 5.85 18.20 -13.80
CA LYS A 80 5.76 18.79 -15.12
C LYS A 80 5.46 17.67 -16.12
N VAL A 81 4.36 17.82 -16.85
CA VAL A 81 3.96 16.82 -17.84
C VAL A 81 4.08 17.39 -19.25
N GLY A 82 4.51 16.55 -20.19
CA GLY A 82 4.68 17.01 -21.55
C GLY A 82 4.44 15.92 -22.58
N GLU A 83 4.45 16.29 -23.85
CA GLU A 83 4.23 15.33 -24.91
C GLU A 83 5.44 14.41 -25.04
N GLY A 84 5.30 13.21 -24.49
CA GLY A 84 6.37 12.22 -24.58
C GLY A 84 6.31 11.43 -25.87
N GLU A 85 6.97 10.28 -25.91
CA GLU A 85 7.11 9.54 -27.15
C GLU A 85 5.80 8.88 -27.54
N GLU A 86 5.31 7.96 -26.71
CA GLU A 86 4.02 7.32 -27.00
C GLU A 86 3.08 7.55 -25.83
N GLY A 87 3.20 8.73 -25.24
CA GLY A 87 2.43 9.08 -24.06
C GLY A 87 3.02 10.35 -23.50
N GLN A 88 2.76 10.63 -22.22
CA GLN A 88 3.35 11.81 -21.60
C GLN A 88 4.62 11.42 -20.86
N TRP A 89 5.64 12.27 -20.95
CA TRP A 89 6.69 12.22 -19.96
C TRP A 89 6.23 13.01 -18.76
N SER A 90 6.94 12.89 -17.65
CA SER A 90 6.62 13.63 -16.44
C SER A 90 7.82 13.60 -15.50
N VAL A 91 7.85 14.52 -14.54
CA VAL A 91 9.00 14.67 -13.68
C VAL A 91 8.72 15.60 -12.51
N LYS A 92 9.31 15.26 -11.37
CA LYS A 92 9.11 16.01 -10.14
C LYS A 92 10.16 17.12 -10.07
N THR A 93 9.70 18.37 -10.06
CA THR A 93 10.61 19.50 -10.16
C THR A 93 10.79 20.18 -8.81
N LYS A 94 9.78 20.08 -7.96
CA LYS A 94 9.89 20.60 -6.61
C LYS A 94 9.07 19.74 -5.67
N HIS A 95 9.50 19.69 -4.41
CA HIS A 95 8.81 18.87 -3.42
C HIS A 95 9.17 19.28 -1.99
N GLN A 96 8.30 18.91 -1.06
CA GLN A 96 8.51 19.20 0.34
C GLN A 96 7.64 18.22 1.13
N MET A 97 8.22 17.63 2.19
CA MET A 97 7.43 16.81 3.10
C MET A 97 6.95 17.65 4.26
N TYR A 98 5.79 17.30 4.78
CA TYR A 98 5.27 17.91 5.99
C TYR A 98 4.87 16.82 6.95
N SER A 99 5.18 17.00 8.23
CA SER A 99 4.73 16.08 9.25
C SER A 99 3.38 16.57 9.77
N ILE A 100 2.40 15.67 9.81
CA ILE A 100 1.15 16.00 10.46
C ILE A 100 1.38 16.04 11.96
N PRO A 101 0.97 17.14 12.60
CA PRO A 101 0.96 17.21 14.06
C PRO A 101 -0.04 16.20 14.63
N GLU A 102 0.39 15.44 15.63
CA GLU A 102 -0.43 14.39 16.20
C GLU A 102 -1.69 15.00 16.84
N ASP A 103 -1.77 16.33 16.79
CA ASP A 103 -2.87 17.06 17.40
C ASP A 103 -4.02 17.20 16.39
N ALA A 104 -3.70 17.79 15.24
CA ALA A 104 -4.68 17.90 14.16
C ALA A 104 -4.97 16.50 13.63
N MET A 105 -3.99 15.62 13.79
CA MET A 105 -4.13 14.21 13.43
C MET A 105 -5.23 13.56 14.26
N THR A 106 -5.34 13.98 15.51
CA THR A 106 -6.37 13.46 16.42
C THR A 106 -7.65 14.26 16.27
N GLY A 107 -7.50 15.52 15.87
CA GLY A 107 -8.65 16.41 15.77
C GLY A 107 -9.55 16.06 14.60
N THR A 108 -10.62 16.83 14.44
CA THR A 108 -11.58 16.56 13.39
C THR A 108 -10.93 16.53 12.01
N ALA A 109 -11.72 16.14 11.02
CA ALA A 109 -11.25 16.05 9.64
C ALA A 109 -10.99 17.45 9.07
N GLU A 110 -11.85 18.40 9.40
CA GLU A 110 -11.71 19.77 8.95
C GLU A 110 -10.45 20.41 9.56
N MET A 111 -10.08 19.94 10.74
CA MET A 111 -8.80 20.32 11.33
C MET A 111 -7.68 19.78 10.47
N LEU A 112 -7.82 18.51 10.09
CA LEU A 112 -6.80 17.81 9.34
C LEU A 112 -6.58 18.48 7.99
N PHE A 113 -7.66 18.67 7.24
CA PHE A 113 -7.55 19.26 5.90
C PHE A 113 -7.24 20.74 5.92
N ASP A 114 -7.50 21.39 7.05
CA ASP A 114 -7.01 22.74 7.26
C ASP A 114 -5.49 22.74 7.30
N TYR A 115 -4.91 21.88 8.12
CA TYR A 115 -3.46 21.80 8.21
C TYR A 115 -2.83 21.47 6.86
N ILE A 116 -3.51 20.66 6.07
CA ILE A 116 -3.01 20.30 4.75
C ILE A 116 -3.06 21.49 3.80
N SER A 117 -4.14 22.26 3.89
CA SER A 117 -4.28 23.49 3.10
C SER A 117 -3.17 24.49 3.42
N GLU A 118 -2.82 24.56 4.70
CA GLU A 118 -1.74 25.44 5.13
C GLU A 118 -0.45 25.02 4.45
N CYS A 119 -0.08 23.75 4.63
CA CYS A 119 1.15 23.21 4.06
C CYS A 119 1.22 23.50 2.57
N ILE A 120 0.08 23.46 1.89
CA ILE A 120 0.05 23.78 0.48
C ILE A 120 0.45 25.23 0.26
N SER A 121 -0.02 26.12 1.13
CA SER A 121 0.38 27.53 1.05
C SER A 121 1.85 27.71 1.41
N ASP A 122 2.28 27.06 2.49
CA ASP A 122 3.69 27.03 2.86
C ASP A 122 4.56 26.69 1.63
N PHE A 123 4.11 25.71 0.86
CA PHE A 123 4.83 25.24 -0.32
C PHE A 123 4.77 26.26 -1.45
N LEU A 124 3.61 26.86 -1.64
CA LEU A 124 3.41 27.82 -2.72
C LEU A 124 4.16 29.12 -2.47
N ASP A 125 4.33 29.46 -1.19
CA ASP A 125 5.18 30.57 -0.84
C ASP A 125 6.62 30.24 -1.19
N LYS A 126 7.19 29.26 -0.49
CA LYS A 126 8.60 28.92 -0.66
C LYS A 126 9.05 28.89 -2.11
N HIS A 127 8.10 28.69 -3.02
CA HIS A 127 8.45 28.55 -4.43
C HIS A 127 7.79 29.59 -5.32
N GLN A 128 7.32 30.67 -4.70
CA GLN A 128 6.80 31.81 -5.46
C GLN A 128 5.76 31.33 -6.45
N MET A 129 4.97 30.34 -6.04
CA MET A 129 3.91 29.83 -6.89
C MET A 129 2.55 30.26 -6.35
N LYS A 130 2.57 30.88 -5.17
CA LYS A 130 1.34 31.22 -4.44
C LYS A 130 0.21 31.78 -5.29
N HIS A 131 0.58 32.32 -6.45
CA HIS A 131 -0.35 33.06 -7.29
C HIS A 131 -0.61 32.37 -8.62
N LYS A 132 -0.35 31.07 -8.68
CA LYS A 132 -0.29 30.40 -9.98
C LYS A 132 -1.54 29.59 -10.35
N LYS A 133 -2.26 29.09 -9.34
CA LYS A 133 -3.51 28.36 -9.58
C LYS A 133 -3.29 27.21 -10.58
N LEU A 134 -2.94 26.04 -10.06
CA LEU A 134 -2.60 24.89 -10.89
C LEU A 134 -3.65 23.79 -10.75
N PRO A 135 -3.67 22.84 -11.69
CA PRO A 135 -4.45 21.61 -11.46
C PRO A 135 -3.78 20.77 -10.37
N LEU A 136 -4.57 20.21 -9.47
CA LEU A 136 -4.03 19.37 -8.42
C LEU A 136 -4.38 17.89 -8.57
N GLY A 137 -3.35 17.05 -8.57
CA GLY A 137 -3.55 15.62 -8.47
C GLY A 137 -3.39 15.17 -7.03
N PHE A 138 -4.39 14.47 -6.52
CA PHE A 138 -4.39 14.00 -5.14
C PHE A 138 -4.21 12.48 -5.06
N THR A 139 -3.05 12.05 -4.59
CA THR A 139 -2.83 10.65 -4.21
C THR A 139 -3.27 10.45 -2.77
N PHE A 140 -4.27 9.59 -2.57
CA PHE A 140 -4.88 9.42 -1.25
C PHE A 140 -5.01 7.93 -0.93
N SER A 141 -4.19 7.45 0.01
CA SER A 141 -3.93 6.01 0.18
C SER A 141 -4.84 5.31 1.18
N PHE A 142 -6.14 5.50 1.02
CA PHE A 142 -7.11 4.87 1.90
C PHE A 142 -8.29 4.44 1.07
N PRO A 143 -9.09 3.49 1.58
CA PRO A 143 -10.26 3.00 0.85
C PRO A 143 -11.30 4.09 0.56
N VAL A 144 -11.54 4.33 -0.73
CA VAL A 144 -12.53 5.30 -1.17
C VAL A 144 -13.53 4.73 -2.16
N ARG A 145 -14.81 4.84 -1.85
CA ARG A 145 -15.84 4.56 -2.85
C ARG A 145 -16.06 5.80 -3.70
N HIS A 146 -15.60 5.74 -4.95
CA HIS A 146 -15.70 6.86 -5.87
C HIS A 146 -17.07 6.96 -6.53
N GLU A 147 -17.56 8.19 -6.65
CA GLU A 147 -18.70 8.46 -7.52
C GLU A 147 -18.14 8.85 -8.87
N ASP A 148 -17.02 9.55 -8.85
CA ASP A 148 -16.29 9.90 -10.05
C ASP A 148 -14.80 10.04 -9.71
N ILE A 149 -14.00 10.45 -10.69
CA ILE A 149 -12.56 10.55 -10.54
C ILE A 149 -12.20 11.66 -9.56
N ASP A 150 -13.13 12.60 -9.38
CA ASP A 150 -12.88 13.75 -8.54
C ASP A 150 -13.86 13.79 -7.37
N LYS A 151 -14.43 12.63 -7.06
CA LYS A 151 -15.38 12.52 -5.95
C LYS A 151 -15.44 11.10 -5.39
N GLY A 152 -15.35 10.97 -4.07
CA GLY A 152 -15.51 9.70 -3.40
C GLY A 152 -15.35 9.82 -1.89
N ILE A 153 -16.02 8.94 -1.15
CA ILE A 153 -16.05 9.04 0.31
C ILE A 153 -15.09 8.05 0.97
N LEU A 154 -14.47 8.50 2.05
CA LEU A 154 -13.63 7.63 2.88
C LEU A 154 -14.50 6.56 3.50
N LEU A 155 -14.18 5.30 3.23
CA LEU A 155 -14.91 4.21 3.85
C LEU A 155 -14.49 4.06 5.30
N ASN A 156 -13.19 3.96 5.53
CA ASN A 156 -12.64 4.09 6.87
C ASN A 156 -11.14 4.29 6.80
N TRP A 157 -10.53 4.72 7.90
CA TRP A 157 -9.09 4.90 7.94
C TRP A 157 -8.41 3.56 8.04
N THR A 158 -7.19 3.45 7.52
CA THR A 158 -6.38 2.27 7.74
C THR A 158 -4.99 2.67 8.23
N LYS A 159 -4.18 1.66 8.57
CA LYS A 159 -2.77 1.87 8.83
C LYS A 159 -2.51 2.70 10.09
N GLY A 160 -3.45 2.67 11.02
CA GLY A 160 -3.24 3.34 12.30
C GLY A 160 -3.67 4.79 12.24
N PHE A 161 -3.90 5.27 11.02
CA PHE A 161 -4.48 6.57 10.80
C PHE A 161 -5.85 6.66 11.48
N LYS A 162 -6.19 7.85 11.95
CA LYS A 162 -7.56 8.12 12.38
C LYS A 162 -7.68 9.58 12.72
N ALA A 163 -8.89 10.09 12.54
CA ALA A 163 -9.16 11.52 12.66
C ALA A 163 -10.67 11.64 12.52
N SER A 164 -11.30 12.17 13.56
CA SER A 164 -12.74 12.16 13.64
C SER A 164 -13.40 12.81 12.43
N GLY A 165 -14.62 12.36 12.13
CA GLY A 165 -15.47 13.07 11.21
C GLY A 165 -15.01 13.09 9.76
N ALA A 166 -14.15 12.15 9.37
CA ALA A 166 -13.70 12.08 7.99
C ALA A 166 -14.39 10.95 7.23
N GLU A 167 -14.62 9.85 7.93
CA GLU A 167 -15.21 8.67 7.30
C GLU A 167 -16.63 8.95 6.87
N GLY A 168 -16.95 8.61 5.62
CA GLY A 168 -18.30 8.82 5.12
C GLY A 168 -18.44 10.10 4.33
N ASN A 169 -17.41 10.94 4.37
CA ASN A 169 -17.49 12.23 3.72
C ASN A 169 -16.73 12.20 2.40
N ASN A 170 -17.10 13.11 1.50
CA ASN A 170 -16.39 13.24 0.24
C ASN A 170 -15.02 13.86 0.50
N VAL A 171 -13.98 13.08 0.22
CA VAL A 171 -12.62 13.47 0.57
C VAL A 171 -12.18 14.67 -0.26
N VAL A 172 -12.43 14.61 -1.55
CA VAL A 172 -12.16 15.73 -2.44
C VAL A 172 -12.93 16.96 -1.97
N GLY A 173 -14.11 16.72 -1.40
CA GLY A 173 -14.93 17.80 -0.88
C GLY A 173 -14.26 18.49 0.29
N LEU A 174 -13.76 17.70 1.25
CA LEU A 174 -13.11 18.26 2.42
C LEU A 174 -11.94 19.14 2.05
N LEU A 175 -11.16 18.72 1.06
CA LEU A 175 -9.95 19.45 0.68
C LEU A 175 -10.29 20.78 0.03
N ARG A 176 -11.22 20.75 -0.91
CA ARG A 176 -11.70 21.97 -1.55
C ARG A 176 -12.24 22.96 -0.53
N ASP A 177 -12.91 22.46 0.51
CA ASP A 177 -13.38 23.32 1.58
C ASP A 177 -12.19 24.00 2.23
N ALA A 178 -11.32 23.22 2.86
CA ALA A 178 -10.19 23.75 3.60
C ALA A 178 -9.40 24.78 2.78
N ILE A 179 -9.37 24.61 1.47
CA ILE A 179 -8.68 25.56 0.59
C ILE A 179 -9.36 26.92 0.60
N LYS A 180 -10.69 26.92 0.63
CA LYS A 180 -11.45 28.16 0.71
C LYS A 180 -11.28 28.80 2.07
N ARG A 181 -11.19 27.98 3.12
CA ARG A 181 -10.91 28.47 4.46
C ARG A 181 -9.43 28.84 4.58
N ARG A 182 -8.92 29.52 3.56
CA ARG A 182 -7.52 29.95 3.53
C ARG A 182 -7.43 31.30 2.84
N GLY A 183 -8.01 31.40 1.65
CA GLY A 183 -8.09 32.67 0.96
C GLY A 183 -7.06 32.84 -0.16
N ASP A 184 -5.81 32.53 0.14
CA ASP A 184 -4.71 32.81 -0.78
C ASP A 184 -4.98 32.23 -2.17
N PHE A 185 -4.70 30.94 -2.30
CA PHE A 185 -4.59 30.30 -3.61
C PHE A 185 -5.91 29.71 -4.10
N GLU A 186 -5.96 29.45 -5.40
CA GLU A 186 -7.05 28.68 -5.98
C GLU A 186 -6.48 27.44 -6.64
N MET A 187 -6.75 26.28 -6.06
CA MET A 187 -6.35 25.01 -6.65
C MET A 187 -7.53 24.32 -7.32
N ASP A 188 -7.30 23.83 -8.53
CA ASP A 188 -8.32 23.13 -9.29
C ASP A 188 -8.17 21.62 -9.06
N VAL A 189 -8.94 21.08 -8.13
CA VAL A 189 -8.83 19.67 -7.75
C VAL A 189 -9.42 18.75 -8.81
N VAL A 190 -8.54 18.11 -9.59
CA VAL A 190 -8.93 17.40 -10.80
C VAL A 190 -9.17 15.91 -10.61
N ALA A 191 -8.24 15.25 -9.93
CA ALA A 191 -8.30 13.80 -9.79
C ALA A 191 -7.88 13.37 -8.39
N MET A 192 -8.52 12.34 -7.87
CA MET A 192 -8.03 11.66 -6.67
C MET A 192 -7.80 10.17 -6.96
N VAL A 193 -6.64 9.66 -6.59
CA VAL A 193 -6.30 8.26 -6.86
C VAL A 193 -5.61 7.59 -5.67
N ASN A 194 -5.88 6.28 -5.52
CA ASN A 194 -5.14 5.44 -4.58
C ASN A 194 -3.66 5.36 -5.01
N ASP A 195 -2.76 5.12 -4.05
CA ASP A 195 -1.34 5.05 -4.39
C ASP A 195 -1.00 3.88 -5.30
N THR A 196 -1.78 2.80 -5.21
CA THR A 196 -1.57 1.65 -6.08
C THR A 196 -1.76 2.10 -7.50
N VAL A 197 -2.81 2.90 -7.71
CA VAL A 197 -3.16 3.39 -9.04
C VAL A 197 -2.10 4.34 -9.60
N ALA A 198 -1.71 5.33 -8.82
CA ALA A 198 -0.70 6.29 -9.28
C ALA A 198 0.55 5.54 -9.72
N THR A 199 0.95 4.55 -8.94
CA THR A 199 2.12 3.78 -9.27
C THR A 199 1.97 3.03 -10.58
N MET A 200 0.82 2.39 -10.75
CA MET A 200 0.54 1.73 -12.03
C MET A 200 0.66 2.73 -13.18
N ILE A 201 0.08 3.92 -13.01
CA ILE A 201 0.06 4.92 -14.08
C ILE A 201 1.48 5.40 -14.43
N SER A 202 2.28 5.70 -13.42
CA SER A 202 3.67 6.07 -13.65
C SER A 202 4.36 5.05 -14.54
N CYS A 203 4.25 3.79 -14.15
CA CYS A 203 4.93 2.72 -14.86
C CYS A 203 4.35 2.46 -16.25
N TYR A 204 3.09 2.84 -16.44
CA TYR A 204 2.43 2.58 -17.72
C TYR A 204 3.12 3.31 -18.87
N TYR A 205 3.65 4.48 -18.59
CA TYR A 205 4.25 5.25 -19.66
C TYR A 205 5.66 4.75 -19.93
N GLU A 206 6.18 4.00 -18.98
CA GLU A 206 7.47 3.33 -19.12
C GLU A 206 7.29 1.97 -19.79
N ASP A 207 6.10 1.40 -19.65
CA ASP A 207 5.80 0.06 -20.14
C ASP A 207 4.29 -0.12 -20.25
N HIS A 208 3.78 -0.12 -21.48
CA HIS A 208 2.34 -0.14 -21.73
C HIS A 208 1.67 -1.45 -21.32
N GLN A 209 2.46 -2.49 -21.08
CA GLN A 209 1.94 -3.75 -20.58
C GLN A 209 1.61 -3.72 -19.10
N CYS A 210 2.14 -2.72 -18.39
CA CYS A 210 1.85 -2.59 -16.98
C CYS A 210 0.39 -2.27 -16.75
N GLU A 211 -0.33 -3.21 -16.16
CA GLU A 211 -1.75 -3.07 -15.93
C GLU A 211 -2.08 -3.45 -14.50
N VAL A 212 -1.06 -3.48 -13.65
CA VAL A 212 -1.24 -3.82 -12.25
C VAL A 212 -0.38 -2.90 -11.39
N GLY A 213 -0.98 -2.32 -10.36
CA GLY A 213 -0.21 -1.53 -9.43
C GLY A 213 -0.24 -2.16 -8.04
N MET A 214 0.93 -2.25 -7.40
CA MET A 214 1.03 -2.89 -6.10
C MET A 214 1.94 -2.15 -5.15
N ILE A 215 1.45 -1.97 -3.93
CA ILE A 215 2.20 -1.31 -2.86
C ILE A 215 2.47 -2.31 -1.73
N VAL A 216 3.74 -2.46 -1.37
CA VAL A 216 4.09 -3.21 -0.17
C VAL A 216 5.02 -2.34 0.69
N GLY A 217 4.40 -1.42 1.43
CA GLY A 217 5.12 -0.63 2.42
C GLY A 217 4.43 -0.74 3.76
N THR A 218 4.05 0.40 4.34
CA THR A 218 3.36 0.42 5.63
C THR A 218 2.13 -0.49 5.56
N GLY A 219 1.39 -0.36 4.47
CA GLY A 219 0.26 -1.22 4.20
C GLY A 219 0.44 -1.92 2.86
N CYS A 220 -0.55 -2.69 2.46
CA CYS A 220 -0.42 -3.55 1.30
C CYS A 220 -1.72 -3.54 0.51
N ASN A 221 -1.61 -3.41 -0.81
CA ASN A 221 -2.79 -3.30 -1.65
C ASN A 221 -2.38 -3.34 -3.12
N ALA A 222 -3.35 -3.61 -3.99
CA ALA A 222 -3.08 -3.69 -5.42
C ALA A 222 -4.25 -3.17 -6.27
N CYS A 223 -3.95 -2.84 -7.52
CA CYS A 223 -4.98 -2.42 -8.45
C CYS A 223 -4.65 -2.97 -9.84
N TYR A 224 -5.67 -3.14 -10.66
CA TYR A 224 -5.48 -3.78 -11.94
C TYR A 224 -6.57 -3.28 -12.89
N MET A 225 -6.29 -3.37 -14.18
CA MET A 225 -7.25 -3.00 -15.22
C MET A 225 -8.27 -4.13 -15.39
N GLU A 226 -9.53 -3.81 -15.15
CA GLU A 226 -10.61 -4.78 -15.28
C GLU A 226 -11.38 -4.48 -16.55
N GLU A 227 -12.08 -5.48 -17.08
CA GLU A 227 -12.97 -5.26 -18.21
C GLU A 227 -14.27 -4.62 -17.72
N MET A 228 -14.66 -3.52 -18.36
CA MET A 228 -15.81 -2.74 -17.92
C MET A 228 -17.06 -3.56 -17.63
N GLN A 229 -17.35 -4.56 -18.45
CA GLN A 229 -18.54 -5.40 -18.22
C GLN A 229 -18.45 -6.17 -16.91
N ASN A 230 -17.26 -6.28 -16.34
CA ASN A 230 -17.09 -6.97 -15.08
C ASN A 230 -17.26 -6.02 -13.92
N VAL A 231 -17.08 -4.72 -14.19
CA VAL A 231 -17.32 -3.69 -13.20
C VAL A 231 -18.80 -3.35 -13.16
N GLU A 232 -19.59 -4.15 -12.46
CA GLU A 232 -21.03 -3.98 -12.47
C GLU A 232 -21.49 -2.72 -11.74
N LEU A 233 -20.63 -2.13 -10.94
CA LEU A 233 -21.00 -0.97 -10.14
C LEU A 233 -20.75 0.32 -10.92
N VAL A 234 -20.18 0.18 -12.11
CA VAL A 234 -20.15 1.28 -13.06
C VAL A 234 -20.89 0.78 -14.28
N GLU A 235 -21.76 1.62 -14.85
CA GLU A 235 -22.58 1.19 -15.98
C GLU A 235 -21.81 1.27 -17.30
N GLY A 236 -21.99 0.26 -18.14
CA GLY A 236 -21.26 0.23 -19.40
C GLY A 236 -20.35 -0.97 -19.54
N ASP A 237 -20.60 -1.80 -20.55
CA ASP A 237 -19.79 -2.98 -20.76
C ASP A 237 -18.59 -2.71 -21.65
N GLU A 238 -18.47 -1.48 -22.13
CA GLU A 238 -17.43 -1.16 -23.10
C GLU A 238 -16.24 -0.53 -22.39
N GLY A 239 -15.04 -1.00 -22.74
CA GLY A 239 -13.83 -0.36 -22.26
C GLY A 239 -13.13 -1.10 -21.14
N ARG A 240 -12.26 -0.38 -20.43
CA ARG A 240 -11.55 -0.94 -19.30
C ARG A 240 -11.36 0.10 -18.21
N MET A 241 -11.40 -0.34 -16.96
CA MET A 241 -11.25 0.56 -15.85
C MET A 241 -10.36 -0.05 -14.76
N CYS A 242 -9.47 0.76 -14.20
CA CYS A 242 -8.66 0.32 -13.08
C CYS A 242 -9.57 0.11 -11.87
N VAL A 243 -9.35 -1.00 -11.16
CA VAL A 243 -10.08 -1.28 -9.92
C VAL A 243 -9.11 -1.34 -8.75
N ASN A 244 -9.50 -0.70 -7.66
CA ASN A 244 -8.76 -0.79 -6.40
C ASN A 244 -9.28 -1.95 -5.58
N THR A 245 -8.50 -3.03 -5.48
CA THR A 245 -9.00 -4.22 -4.80
C THR A 245 -9.20 -3.91 -3.33
N GLU A 246 -8.25 -3.19 -2.74
CA GLU A 246 -8.18 -3.05 -1.29
C GLU A 246 -8.07 -4.44 -0.64
N TRP A 247 -7.14 -5.25 -1.14
CA TRP A 247 -7.06 -6.64 -0.67
C TRP A 247 -6.52 -6.72 0.75
N GLY A 248 -6.07 -5.58 1.28
CA GLY A 248 -5.64 -5.56 2.65
C GLY A 248 -6.70 -6.07 3.60
N ALA A 249 -7.97 -5.98 3.19
CA ALA A 249 -9.09 -6.35 4.06
C ALA A 249 -9.50 -7.81 3.83
N PHE A 250 -8.93 -8.42 2.81
CA PHE A 250 -9.09 -9.85 2.61
C PHE A 250 -8.84 -10.56 3.95
N GLY A 251 -9.71 -11.52 4.29
CA GLY A 251 -9.61 -12.17 5.58
C GLY A 251 -10.55 -11.59 6.64
N ASP A 252 -11.16 -10.45 6.36
CA ASP A 252 -12.01 -9.79 7.34
C ASP A 252 -13.36 -10.50 7.50
N SER A 253 -13.70 -11.37 6.57
CA SER A 253 -14.88 -12.23 6.71
C SER A 253 -14.46 -13.63 7.11
N GLY A 254 -13.24 -13.77 7.60
CA GLY A 254 -12.76 -15.05 8.08
C GLY A 254 -12.12 -15.94 7.03
N GLU A 255 -11.81 -15.39 5.86
CA GLU A 255 -11.22 -16.16 4.79
C GLU A 255 -9.87 -16.74 5.22
N LEU A 256 -9.27 -16.16 6.25
CA LEU A 256 -7.90 -16.50 6.60
C LEU A 256 -7.76 -17.23 7.93
N ASP A 257 -8.88 -17.59 8.54
CA ASP A 257 -8.87 -18.07 9.92
C ASP A 257 -7.90 -19.23 10.17
N GLU A 258 -7.87 -20.19 9.24
CA GLU A 258 -7.06 -21.38 9.42
C GLU A 258 -5.56 -21.09 9.32
N PHE A 259 -5.19 -19.88 8.95
CA PHE A 259 -3.78 -19.54 8.87
C PHE A 259 -3.33 -18.63 10.02
N LEU A 260 -4.27 -17.93 10.64
CA LEU A 260 -3.89 -16.92 11.63
C LEU A 260 -3.21 -17.50 12.86
N LEU A 261 -2.16 -16.83 13.30
CA LEU A 261 -1.40 -17.28 14.46
C LEU A 261 -1.74 -16.41 15.66
N GLU A 262 -1.33 -16.85 16.84
CA GLU A 262 -1.57 -16.09 18.06
C GLU A 262 -1.03 -14.69 17.93
N TYR A 263 0.16 -14.58 17.35
CA TYR A 263 0.82 -13.29 17.19
C TYR A 263 -0.04 -12.40 16.28
N ASP A 264 -0.72 -13.01 15.32
CA ASP A 264 -1.61 -12.28 14.44
C ASP A 264 -2.83 -11.75 15.18
N ARG A 265 -3.35 -12.57 16.10
CA ARG A 265 -4.52 -12.17 16.89
C ARG A 265 -4.15 -11.07 17.89
N LEU A 266 -2.95 -11.15 18.44
CA LEU A 266 -2.45 -10.12 19.33
C LEU A 266 -2.29 -8.79 18.59
N VAL A 267 -1.65 -8.85 17.43
CA VAL A 267 -1.45 -7.67 16.61
C VAL A 267 -2.77 -6.98 16.26
N ASP A 268 -3.76 -7.80 15.92
CA ASP A 268 -5.06 -7.29 15.51
C ASP A 268 -5.79 -6.65 16.68
N GLU A 269 -5.89 -7.38 17.79
CA GLU A 269 -6.66 -6.94 18.95
C GLU A 269 -6.16 -5.62 19.50
N SER A 270 -4.85 -5.40 19.45
CA SER A 270 -4.27 -4.19 20.00
C SER A 270 -4.13 -3.10 18.96
N SER A 271 -4.66 -3.34 17.77
CA SER A 271 -4.54 -2.38 16.68
C SER A 271 -5.63 -1.30 16.76
N ALA A 272 -5.43 -0.23 16.01
CA ALA A 272 -6.42 0.83 15.93
C ALA A 272 -7.69 0.34 15.25
N ASN A 273 -7.57 -0.70 14.44
CA ASN A 273 -8.70 -1.22 13.67
C ASN A 273 -8.88 -2.72 13.79
N PRO A 274 -9.18 -3.18 15.01
CA PRO A 274 -9.33 -4.61 15.33
C PRO A 274 -10.39 -5.26 14.44
N GLY A 275 -10.00 -6.34 13.78
CA GLY A 275 -10.94 -7.06 12.94
C GLY A 275 -10.84 -6.68 11.48
N GLN A 276 -10.20 -5.55 11.20
CA GLN A 276 -10.10 -5.06 9.83
C GLN A 276 -8.68 -5.21 9.28
N GLN A 277 -8.58 -5.32 7.96
CA GLN A 277 -7.29 -5.36 7.26
C GLN A 277 -6.41 -6.52 7.72
N LEU A 278 -6.97 -7.71 7.84
CA LEU A 278 -6.24 -8.79 8.48
C LEU A 278 -5.11 -9.28 7.57
N TYR A 279 -5.40 -9.36 6.27
CA TYR A 279 -4.42 -9.76 5.28
C TYR A 279 -3.24 -8.80 5.29
N GLU A 280 -3.56 -7.51 5.38
CA GLU A 280 -2.57 -6.46 5.42
C GLU A 280 -1.67 -6.64 6.64
N LYS A 281 -2.28 -7.07 7.73
CA LYS A 281 -1.55 -7.26 8.97
C LYS A 281 -0.61 -8.47 8.95
N LEU A 282 -0.68 -9.28 7.89
CA LEU A 282 0.27 -10.37 7.68
C LEU A 282 1.50 -9.88 6.93
N ILE A 283 1.37 -8.74 6.24
CA ILE A 283 2.37 -8.34 5.27
C ILE A 283 2.98 -6.96 5.55
N GLY A 284 2.12 -6.02 5.92
CA GLY A 284 2.53 -4.62 5.88
C GLY A 284 3.55 -4.22 6.93
N GLY A 285 4.36 -3.22 6.58
CA GLY A 285 5.40 -2.74 7.48
C GLY A 285 4.88 -2.04 8.72
N LYS A 286 3.61 -1.66 8.72
CA LYS A 286 3.01 -1.16 9.94
C LYS A 286 3.03 -2.24 11.03
N TYR A 287 3.14 -3.50 10.62
CA TYR A 287 2.87 -4.60 11.54
C TYR A 287 4.00 -5.63 11.62
N MET A 288 4.92 -5.59 10.67
CA MET A 288 5.89 -6.68 10.55
C MET A 288 6.79 -6.76 11.78
N GLY A 289 7.37 -5.63 12.14
CA GLY A 289 8.23 -5.59 13.32
C GLY A 289 7.50 -6.06 14.55
N GLU A 290 6.23 -5.73 14.65
CA GLU A 290 5.46 -6.03 15.86
C GLU A 290 5.19 -7.53 15.96
N LEU A 291 4.88 -8.15 14.83
CA LEU A 291 4.81 -9.60 14.75
C LEU A 291 6.13 -10.19 15.28
N VAL A 292 7.24 -9.67 14.78
CA VAL A 292 8.54 -10.11 15.26
C VAL A 292 8.68 -9.98 16.77
N ARG A 293 8.26 -8.85 17.30
CA ARG A 293 8.42 -8.56 18.72
C ARG A 293 7.66 -9.61 19.53
N LEU A 294 6.47 -9.95 19.06
CA LEU A 294 5.59 -10.88 19.77
C LEU A 294 6.17 -12.29 19.72
N VAL A 295 6.82 -12.62 18.62
CA VAL A 295 7.46 -13.92 18.49
C VAL A 295 8.66 -13.98 19.45
N LEU A 296 9.41 -12.89 19.51
CA LEU A 296 10.54 -12.81 20.41
C LEU A 296 10.07 -13.03 21.85
N LEU A 297 8.99 -12.36 22.22
CA LEU A 297 8.51 -12.42 23.59
C LEU A 297 8.04 -13.83 23.94
N ARG A 298 7.52 -14.54 22.95
CA ARG A 298 7.03 -15.89 23.19
C ARG A 298 8.24 -16.79 23.41
N LEU A 299 9.33 -16.49 22.72
CA LEU A 299 10.57 -17.25 22.89
C LEU A 299 11.18 -17.04 24.28
N VAL A 300 11.22 -15.79 24.74
CA VAL A 300 11.79 -15.52 26.05
C VAL A 300 10.95 -16.17 27.13
N ASP A 301 9.68 -16.44 26.83
CA ASP A 301 8.78 -17.06 27.80
C ASP A 301 8.99 -18.56 27.89
N GLU A 302 9.37 -19.18 26.78
CA GLU A 302 9.73 -20.57 26.77
C GLU A 302 11.20 -20.71 27.16
N ASN A 303 11.76 -19.62 27.69
CA ASN A 303 13.15 -19.59 28.10
C ASN A 303 14.13 -20.00 27.00
N LEU A 304 13.79 -19.68 25.76
CA LEU A 304 14.61 -20.06 24.63
C LEU A 304 15.50 -18.93 24.15
N LEU A 305 15.37 -17.75 24.76
CA LEU A 305 15.90 -16.53 24.17
C LEU A 305 16.16 -15.46 25.23
N PHE A 306 17.36 -14.88 25.20
CA PHE A 306 17.77 -13.88 26.19
C PHE A 306 17.72 -14.41 27.61
N HIS A 307 17.87 -15.73 27.77
CA HIS A 307 17.76 -16.35 29.08
C HIS A 307 16.45 -15.99 29.77
N GLY A 308 15.34 -16.06 29.04
CA GLY A 308 14.05 -15.80 29.64
C GLY A 308 13.87 -14.41 30.20
N GLU A 309 14.78 -13.49 29.86
CA GLU A 309 14.72 -12.12 30.38
C GLU A 309 14.54 -11.07 29.29
N ALA A 310 13.32 -10.58 29.13
CA ALA A 310 13.07 -9.49 28.19
C ALA A 310 13.38 -8.14 28.83
N SER A 311 13.76 -7.17 28.01
CA SER A 311 14.03 -5.82 28.49
C SER A 311 12.76 -4.98 28.52
N GLU A 312 12.85 -3.82 29.16
CA GLU A 312 11.70 -2.95 29.33
C GLU A 312 11.17 -2.50 27.98
N GLN A 313 12.09 -2.16 27.09
CA GLN A 313 11.73 -1.72 25.75
C GLN A 313 11.08 -2.84 24.95
N LEU A 314 11.68 -4.03 24.99
CA LEU A 314 11.17 -5.12 24.18
C LEU A 314 9.75 -5.47 24.59
N ARG A 315 9.37 -5.08 25.79
CA ARG A 315 8.03 -5.37 26.29
C ARG A 315 7.05 -4.28 25.92
N THR A 316 7.54 -3.13 25.47
CA THR A 316 6.64 -2.05 25.13
C THR A 316 6.21 -2.12 23.65
N ARG A 317 4.90 -2.07 23.43
CA ARG A 317 4.35 -2.31 22.11
C ARG A 317 4.95 -1.36 21.08
N GLY A 318 5.30 -1.91 19.92
CA GLY A 318 5.81 -1.09 18.83
C GLY A 318 7.31 -0.83 18.83
N ALA A 319 8.02 -1.33 19.83
CA ALA A 319 9.44 -1.05 20.00
C ALA A 319 10.30 -1.69 18.92
N PHE A 320 9.87 -2.83 18.41
CA PHE A 320 10.64 -3.49 17.36
C PHE A 320 10.16 -2.97 16.00
N GLU A 321 10.86 -1.94 15.51
CA GLU A 321 10.48 -1.30 14.27
C GLU A 321 10.75 -2.19 13.10
N THR A 322 9.90 -2.09 12.08
CA THR A 322 10.04 -2.94 10.92
C THR A 322 11.42 -2.82 10.30
N ARG A 323 12.00 -1.63 10.34
CA ARG A 323 13.33 -1.43 9.80
C ARG A 323 14.37 -2.29 10.52
N PHE A 324 14.07 -2.67 11.77
CA PHE A 324 14.95 -3.56 12.51
C PHE A 324 14.96 -4.95 11.89
N VAL A 325 13.77 -5.44 11.53
CA VAL A 325 13.64 -6.71 10.84
C VAL A 325 14.53 -6.72 9.60
N SER A 326 14.51 -5.61 8.90
CA SER A 326 15.24 -5.46 7.66
C SER A 326 16.75 -5.35 7.87
N GLN A 327 17.15 -4.73 8.98
CA GLN A 327 18.57 -4.67 9.29
C GLN A 327 19.08 -6.03 9.74
N VAL A 328 18.32 -6.71 10.59
CA VAL A 328 18.67 -8.05 11.04
C VAL A 328 18.98 -8.99 9.88
N GLU A 329 18.20 -8.88 8.81
CA GLU A 329 18.36 -9.80 7.69
C GLU A 329 19.44 -9.33 6.73
N SER A 330 19.99 -8.16 7.02
CA SER A 330 21.09 -7.62 6.24
C SER A 330 22.43 -7.97 6.86
N ASP A 331 22.36 -8.52 8.07
CA ASP A 331 23.57 -8.92 8.80
C ASP A 331 24.43 -9.81 7.92
N THR A 332 25.72 -9.48 7.85
CA THR A 332 26.65 -10.21 7.01
C THR A 332 27.00 -11.54 7.67
N GLY A 333 26.62 -11.69 8.93
CA GLY A 333 26.93 -12.91 9.65
C GLY A 333 27.96 -12.71 10.76
N ASP A 334 28.37 -11.46 10.96
CA ASP A 334 29.27 -11.15 12.07
C ASP A 334 28.42 -10.69 13.25
N ARG A 335 27.11 -10.76 13.06
CA ARG A 335 26.15 -10.49 14.14
C ARG A 335 26.23 -9.06 14.65
N LYS A 336 27.11 -8.26 14.05
CA LYS A 336 27.30 -6.89 14.50
C LYS A 336 26.00 -6.08 14.39
N GLN A 337 25.37 -6.14 13.23
CA GLN A 337 24.15 -5.40 13.00
C GLN A 337 23.09 -5.85 14.00
N ILE A 338 22.95 -7.15 14.16
CA ILE A 338 21.94 -7.70 15.07
C ILE A 338 22.24 -7.31 16.51
N TYR A 339 23.50 -7.41 16.93
CA TYR A 339 23.86 -7.01 18.27
C TYR A 339 23.51 -5.56 18.56
N ASN A 340 23.80 -4.66 17.62
CA ASN A 340 23.61 -3.23 17.84
C ASN A 340 22.14 -2.87 18.06
N ILE A 341 21.27 -3.42 17.22
CA ILE A 341 19.84 -3.23 17.39
C ILE A 341 19.38 -3.75 18.75
N LEU A 342 19.64 -5.03 19.00
CA LEU A 342 19.22 -5.66 20.24
C LEU A 342 19.76 -4.89 21.44
N SER A 343 21.00 -4.43 21.34
CA SER A 343 21.60 -3.68 22.44
C SER A 343 20.83 -2.39 22.65
N THR A 344 20.52 -1.73 21.55
CA THR A 344 19.78 -0.47 21.59
C THR A 344 18.43 -0.66 22.25
N LEU A 345 17.91 -1.89 22.19
CA LEU A 345 16.65 -2.20 22.84
C LEU A 345 16.82 -2.65 24.29
N GLY A 346 18.03 -2.49 24.83
CA GLY A 346 18.27 -2.80 26.22
C GLY A 346 18.51 -4.27 26.49
N LEU A 347 19.00 -4.99 25.48
CA LEU A 347 19.26 -6.41 25.63
C LEU A 347 20.74 -6.66 25.48
N ARG A 348 21.22 -7.80 26.00
CA ARG A 348 22.61 -8.18 25.80
C ARG A 348 22.71 -9.58 25.23
N PRO A 349 22.53 -9.71 23.91
CA PRO A 349 22.34 -11.00 23.27
C PRO A 349 23.62 -11.84 23.21
N SER A 350 23.46 -13.13 23.47
CA SER A 350 24.52 -14.07 23.16
C SER A 350 24.56 -14.26 21.66
N THR A 351 25.59 -14.96 21.19
CA THR A 351 25.75 -15.25 19.79
C THR A 351 24.53 -15.98 19.25
N THR A 352 24.04 -16.97 20.02
CA THR A 352 22.87 -17.73 19.62
C THR A 352 21.57 -16.94 19.75
N ASP A 353 21.49 -16.06 20.72
CA ASP A 353 20.39 -15.11 20.78
C ASP A 353 20.24 -14.40 19.44
N CYS A 354 21.34 -13.84 18.94
CA CYS A 354 21.33 -13.12 17.67
C CYS A 354 20.87 -14.00 16.52
N ASP A 355 21.31 -15.25 16.50
CA ASP A 355 20.97 -16.13 15.40
C ASP A 355 19.49 -16.52 15.44
N ILE A 356 18.99 -16.73 16.65
CA ILE A 356 17.57 -17.00 16.85
C ILE A 356 16.75 -15.81 16.38
N VAL A 357 17.15 -14.60 16.78
CA VAL A 357 16.42 -13.42 16.36
C VAL A 357 16.41 -13.26 14.86
N ARG A 358 17.53 -13.57 14.21
CA ARG A 358 17.57 -13.49 12.76
C ARG A 358 16.56 -14.50 12.18
N ARG A 359 16.48 -15.67 12.81
CA ARG A 359 15.59 -16.73 12.34
C ARG A 359 14.15 -16.24 12.40
N ALA A 360 13.81 -15.57 13.49
CA ALA A 360 12.45 -15.11 13.70
C ALA A 360 12.06 -14.09 12.63
N CYS A 361 12.97 -13.15 12.37
CA CYS A 361 12.79 -12.17 11.31
C CYS A 361 12.54 -12.84 9.95
N GLU A 362 13.38 -13.81 9.59
CA GLU A 362 13.22 -14.47 8.29
C GLU A 362 11.88 -15.19 8.19
N SER A 363 11.38 -15.71 9.31
CA SER A 363 10.16 -16.49 9.32
C SER A 363 8.96 -15.60 9.05
N VAL A 364 8.97 -14.39 9.61
CA VAL A 364 7.87 -13.46 9.43
C VAL A 364 7.92 -12.83 8.04
N SER A 365 9.07 -12.32 7.67
CA SER A 365 9.18 -11.64 6.38
C SER A 365 9.03 -12.66 5.24
N THR A 366 9.37 -13.92 5.51
CA THR A 366 9.15 -14.92 4.47
C THR A 366 7.69 -15.24 4.34
N ARG A 367 6.98 -15.28 5.46
CA ARG A 367 5.55 -15.55 5.39
C ARG A 367 4.88 -14.37 4.69
N ALA A 368 5.30 -13.16 5.02
CA ALA A 368 4.75 -11.98 4.36
C ALA A 368 4.91 -12.09 2.85
N ALA A 369 6.12 -12.43 2.40
CA ALA A 369 6.42 -12.49 0.98
C ALA A 369 5.53 -13.52 0.26
N HIS A 370 5.22 -14.61 0.95
CA HIS A 370 4.47 -15.68 0.32
C HIS A 370 2.97 -15.37 0.35
N MET A 371 2.50 -14.90 1.51
CA MET A 371 1.09 -14.51 1.61
C MET A 371 0.81 -13.52 0.49
N CYS A 372 1.65 -12.50 0.37
CA CYS A 372 1.52 -11.47 -0.65
C CYS A 372 1.56 -12.04 -2.06
N SER A 373 2.43 -13.02 -2.30
CA SER A 373 2.57 -13.56 -3.66
C SER A 373 1.28 -14.28 -4.08
N ALA A 374 0.54 -14.79 -3.09
CA ALA A 374 -0.71 -15.48 -3.38
C ALA A 374 -1.76 -14.52 -3.94
N GLY A 375 -1.82 -13.32 -3.37
CA GLY A 375 -2.81 -12.35 -3.79
C GLY A 375 -2.51 -11.86 -5.18
N LEU A 376 -1.25 -11.53 -5.44
CA LEU A 376 -0.85 -11.01 -6.73
C LEU A 376 -1.10 -12.10 -7.77
N ALA A 377 -0.80 -13.34 -7.40
CA ALA A 377 -1.01 -14.45 -8.33
C ALA A 377 -2.49 -14.57 -8.61
N GLY A 378 -3.29 -14.45 -7.56
CA GLY A 378 -4.74 -14.43 -7.72
C GLY A 378 -5.22 -13.36 -8.70
N VAL A 379 -4.64 -12.17 -8.64
CA VAL A 379 -5.04 -11.10 -9.53
C VAL A 379 -4.58 -11.40 -10.96
N ILE A 380 -3.30 -11.72 -11.09
CA ILE A 380 -2.73 -12.03 -12.40
C ILE A 380 -3.42 -13.23 -13.05
N ASN A 381 -3.83 -14.21 -12.25
CA ASN A 381 -4.52 -15.36 -12.80
C ASN A 381 -5.96 -15.06 -13.15
N ARG A 382 -6.57 -14.13 -12.42
CA ARG A 382 -7.88 -13.64 -12.81
C ARG A 382 -7.78 -12.96 -14.19
N MET A 383 -6.79 -12.09 -14.35
CA MET A 383 -6.61 -11.40 -15.60
C MET A 383 -6.26 -12.32 -16.76
N ARG A 384 -5.64 -13.46 -16.45
CA ARG A 384 -5.28 -14.45 -17.46
C ARG A 384 -6.54 -14.96 -18.15
N GLU A 385 -7.62 -15.03 -17.39
CA GLU A 385 -8.92 -15.44 -17.90
C GLU A 385 -9.44 -14.58 -19.04
N SER A 386 -8.92 -13.36 -19.14
CA SER A 386 -9.39 -12.42 -20.15
C SER A 386 -8.34 -12.12 -21.21
N ARG A 387 -7.35 -12.99 -21.33
CA ARG A 387 -6.34 -12.82 -22.37
C ARG A 387 -6.23 -14.06 -23.26
N SER A 388 -5.89 -13.84 -24.53
CA SER A 388 -5.98 -14.88 -25.56
C SER A 388 -4.65 -15.59 -25.81
N GLU A 389 -3.59 -14.81 -26.00
CA GLU A 389 -2.30 -15.37 -26.35
C GLU A 389 -1.92 -16.47 -25.38
N ASP A 390 -1.03 -17.35 -25.82
CA ASP A 390 -0.64 -18.51 -25.03
C ASP A 390 0.00 -18.06 -23.72
N VAL A 391 1.09 -17.31 -23.84
CA VAL A 391 1.71 -16.71 -22.67
C VAL A 391 1.19 -15.29 -22.49
N MET A 392 0.56 -15.02 -21.36
CA MET A 392 0.23 -13.65 -21.02
C MET A 392 1.46 -12.92 -20.49
N ARG A 393 1.88 -11.92 -21.24
CA ARG A 393 2.97 -11.04 -20.81
C ARG A 393 2.36 -9.80 -20.16
N ILE A 394 2.74 -9.54 -18.92
CA ILE A 394 2.13 -8.45 -18.18
C ILE A 394 3.16 -7.81 -17.26
N THR A 395 3.00 -6.51 -17.01
CA THR A 395 3.92 -5.80 -16.14
C THR A 395 3.25 -5.31 -14.87
N VAL A 396 3.92 -5.49 -13.75
CA VAL A 396 3.42 -5.05 -12.46
C VAL A 396 4.28 -3.91 -11.97
N GLY A 397 3.65 -2.77 -11.71
CA GLY A 397 4.35 -1.67 -11.07
C GLY A 397 4.27 -1.78 -9.57
N VAL A 398 5.37 -1.52 -8.89
CA VAL A 398 5.43 -1.79 -7.46
C VAL A 398 6.13 -0.65 -6.74
N ASP A 399 5.68 -0.38 -5.52
CA ASP A 399 6.33 0.58 -4.64
C ASP A 399 6.16 0.10 -3.19
N GLY A 400 6.82 0.76 -2.25
CA GLY A 400 6.78 0.32 -0.87
C GLY A 400 8.14 -0.04 -0.27
N SER A 401 8.36 0.39 0.97
CA SER A 401 9.65 0.19 1.60
C SER A 401 9.95 -1.29 1.83
N VAL A 402 8.95 -2.06 2.23
CA VAL A 402 9.16 -3.47 2.48
C VAL A 402 9.65 -4.14 1.20
N TYR A 403 8.92 -3.96 0.11
CA TYR A 403 9.31 -4.57 -1.15
C TYR A 403 10.64 -4.03 -1.70
N LYS A 404 10.90 -2.75 -1.48
CA LYS A 404 12.06 -2.12 -2.10
C LYS A 404 13.35 -2.28 -1.29
N LEU A 405 13.23 -2.34 0.03
CA LEU A 405 14.38 -2.14 0.90
C LEU A 405 14.77 -3.37 1.72
N HIS A 406 13.81 -4.25 1.99
CA HIS A 406 14.06 -5.46 2.76
C HIS A 406 14.92 -6.42 1.94
N PRO A 407 16.05 -6.87 2.50
CA PRO A 407 17.11 -7.45 1.68
C PRO A 407 16.72 -8.59 0.73
N SER A 408 15.75 -9.42 1.11
CA SER A 408 15.46 -10.57 0.25
C SER A 408 13.97 -10.81 0.00
N PHE A 409 13.13 -9.90 0.50
CA PHE A 409 11.69 -10.02 0.35
C PHE A 409 11.32 -10.13 -1.12
N LYS A 410 11.87 -9.25 -1.95
CA LYS A 410 11.46 -9.19 -3.33
C LYS A 410 11.84 -10.43 -4.13
N GLU A 411 13.02 -11.00 -3.86
CA GLU A 411 13.42 -12.25 -4.50
C GLU A 411 12.48 -13.41 -4.17
N ARG A 412 12.18 -13.57 -2.88
CA ARG A 412 11.27 -14.63 -2.47
C ARG A 412 9.92 -14.40 -3.14
N PHE A 413 9.44 -13.16 -3.05
CA PHE A 413 8.18 -12.80 -3.64
C PHE A 413 8.11 -13.14 -5.13
N HIS A 414 9.09 -12.69 -5.91
CA HIS A 414 9.08 -12.95 -7.35
C HIS A 414 9.02 -14.43 -7.67
N ALA A 415 9.88 -15.22 -7.03
CA ALA A 415 9.91 -16.65 -7.27
C ALA A 415 8.55 -17.29 -6.95
N SER A 416 7.97 -16.90 -5.81
CA SER A 416 6.69 -17.46 -5.39
C SER A 416 5.56 -17.08 -6.34
N VAL A 417 5.52 -15.81 -6.77
CA VAL A 417 4.49 -15.38 -7.70
C VAL A 417 4.59 -16.19 -9.00
N ARG A 418 5.81 -16.35 -9.48
CA ARG A 418 6.04 -17.12 -10.69
C ARG A 418 5.61 -18.58 -10.58
N ARG A 419 5.93 -19.22 -9.46
CA ARG A 419 5.49 -20.60 -9.24
C ARG A 419 3.98 -20.70 -9.45
N LEU A 420 3.27 -19.67 -9.00
CA LEU A 420 1.83 -19.72 -8.92
C LEU A 420 1.12 -19.25 -10.19
N THR A 421 1.90 -18.74 -11.16
CA THR A 421 1.31 -18.14 -12.35
C THR A 421 1.85 -18.70 -13.66
N PRO A 422 1.56 -19.97 -13.95
CA PRO A 422 2.02 -20.61 -15.18
C PRO A 422 1.43 -19.99 -16.44
N SER A 423 2.19 -20.01 -17.53
CA SER A 423 1.81 -19.36 -18.78
C SER A 423 1.62 -17.86 -18.58
N CYS A 424 2.40 -17.29 -17.67
CA CYS A 424 2.51 -15.85 -17.55
C CYS A 424 3.97 -15.44 -17.53
N GLU A 425 4.31 -14.43 -18.32
CA GLU A 425 5.59 -13.75 -18.20
C GLU A 425 5.38 -12.43 -17.46
N ILE A 426 5.79 -12.39 -16.20
CA ILE A 426 5.64 -11.19 -15.40
C ILE A 426 6.91 -10.35 -15.38
N THR A 427 6.78 -9.08 -15.71
CA THR A 427 7.86 -8.12 -15.52
C THR A 427 7.53 -7.20 -14.34
N PHE A 428 8.52 -6.94 -13.49
CA PHE A 428 8.31 -6.05 -12.35
C PHE A 428 9.05 -4.74 -12.54
N ILE A 429 8.34 -3.64 -12.37
CA ILE A 429 8.96 -2.33 -12.41
C ILE A 429 8.74 -1.60 -11.10
N GLU A 430 9.78 -0.96 -10.60
CA GLU A 430 9.65 -0.08 -9.45
C GLU A 430 9.41 1.33 -9.96
N SER A 431 8.60 2.10 -9.24
CA SER A 431 8.15 3.41 -9.72
C SER A 431 9.07 4.51 -9.20
N GLU A 432 9.43 5.45 -10.07
CA GLU A 432 10.34 6.53 -9.68
C GLU A 432 9.67 7.40 -8.62
N GLU A 433 8.93 8.40 -9.05
CA GLU A 433 8.05 9.13 -8.14
C GLU A 433 6.63 8.77 -8.52
N GLY A 434 6.29 7.49 -8.37
CA GLY A 434 5.03 7.01 -8.88
C GLY A 434 3.80 7.69 -8.31
N SER A 435 3.89 8.11 -7.06
CA SER A 435 2.76 8.76 -6.40
C SER A 435 2.48 10.11 -7.04
N GLY A 436 3.49 10.97 -7.07
CA GLY A 436 3.29 12.31 -7.57
C GLY A 436 3.06 12.34 -9.08
N ARG A 437 3.97 11.73 -9.83
CA ARG A 437 3.87 11.73 -11.27
C ARG A 437 2.67 10.92 -11.70
N GLY A 438 2.31 9.92 -10.90
CA GLY A 438 1.14 9.13 -11.22
C GLY A 438 -0.12 9.96 -11.13
N ALA A 439 -0.26 10.71 -10.04
CA ALA A 439 -1.44 11.55 -9.84
C ALA A 439 -1.51 12.65 -10.89
N ALA A 440 -0.34 13.16 -11.27
CA ALA A 440 -0.24 14.24 -12.24
C ALA A 440 -0.62 13.75 -13.62
N LEU A 441 -0.15 12.56 -13.97
CA LEU A 441 -0.41 12.01 -15.28
C LEU A 441 -1.91 11.83 -15.47
N VAL A 442 -2.58 11.43 -14.39
CA VAL A 442 -4.00 11.13 -14.44
C VAL A 442 -4.78 12.43 -14.52
N SER A 443 -4.32 13.43 -13.76
CA SER A 443 -4.88 14.77 -13.82
C SER A 443 -4.78 15.36 -15.22
N ALA A 444 -3.60 15.24 -15.83
CA ALA A 444 -3.38 15.78 -17.17
C ALA A 444 -4.37 15.22 -18.18
N VAL A 445 -4.78 13.97 -17.98
CA VAL A 445 -5.78 13.39 -18.87
C VAL A 445 -7.18 13.82 -18.46
N ALA A 446 -7.41 13.92 -17.16
CA ALA A 446 -8.72 14.32 -16.67
C ALA A 446 -8.97 15.79 -17.00
N CYS A 447 -7.89 16.53 -17.17
CA CYS A 447 -7.95 17.95 -17.55
C CYS A 447 -8.46 18.16 -18.98
N LYS A 448 -8.36 17.13 -19.79
CA LYS A 448 -8.85 17.22 -21.16
C LYS A 448 -10.37 17.36 -21.17
N LYS A 449 -10.98 17.22 -20.00
CA LYS A 449 -12.44 17.34 -19.88
C LYS A 449 -12.90 18.32 -18.79
N ALA A 450 -11.99 18.72 -17.91
CA ALA A 450 -12.32 19.68 -16.86
C ALA A 450 -11.37 20.88 -16.85
N CYS A 451 -10.51 20.96 -17.85
CA CYS A 451 -9.57 22.07 -17.98
C CYS A 451 -9.40 22.47 -19.45
#